data_8UOJ
#
_entry.id   8UOJ
#
_cell.length_a   45.350
_cell.length_b   115.490
_cell.length_c   161.820
_cell.angle_alpha   90.00
_cell.angle_beta   90.00
_cell.angle_gamma   90.00
#
_symmetry.space_group_name_H-M   'I 2 2 2'
#
loop_
_entity.id
_entity.type
_entity.pdbx_description
1 polymer 'MAP/microtubule affinity-regulating kinase 3'
2 non-polymer (6M)-4-{[(2R)-azepan-2-yl]methyl}-6-[(4R)-imidazo[1,2-a]pyridin-3-yl]-2H-pyrido[3,2-b][1,4]oxazin-3(4H)-one
3 non-polymer 1,2-ETHANEDIOL
4 non-polymer 'CHLORIDE ION'
5 non-polymer 'BENZOIC ACID'
6 water water
#
_entity_poly.entity_id   1
_entity_poly.type   'polypeptide(L)'
_entity_poly.pdbx_seq_one_letter_code
;GAMGSDEQPHIGNYRLLKTLGKGNFAKVKRARHILTGREVAIKIIDKTQLNPTSLQKLFREVRIMKILNHPNIIKLFEVI
ETEKTLYLIMEYASKGEVYDYLVEHGRMKEKEARSKFRQIVSAVQYCHQKRIVHRDLKAENLLLDADMNIKIADFGFSNE
FTVGGKLDTF(CME)GSPPYAAPELFQGKKYDGPEVDVWSLGVILYTLVSGSLPFDGQNLKELRERVLRGKYRIPFYMST
DCENLLKRFLVLNPIKRGTLEQIMKDRWINAGHEEDELKPFVEPELDISDQKRIDIMVGMGYSQEEIQESLSKMKYDEIT
ATYLLLGRKSSE
;
_entity_poly.pdbx_strand_id   A
#
loop_
_chem_comp.id
_chem_comp.type
_chem_comp.name
_chem_comp.formula
BEZ non-polymer 'BENZOIC ACID' 'C7 H6 O2'
CL non-polymer 'CHLORIDE ION' 'Cl -1'
EDO non-polymer 1,2-ETHANEDIOL 'C2 H6 O2'
X5I non-polymer (6M)-4-{[(2R)-azepan-2-yl]methyl}-6-[(4R)-imidazo[1,2-a]pyridin-3-yl]-2H-pyrido[3,2-b][1,4]oxazin-3(4H)-one 'C21 H23 N5 O2'
#
# COMPACT_ATOMS: atom_id res chain seq x y z
N GLN A 8 -18.02 17.12 17.34
CA GLN A 8 -17.42 16.09 16.49
C GLN A 8 -16.31 15.33 17.25
N PRO A 9 -16.35 14.01 17.17
CA PRO A 9 -15.39 13.20 17.94
C PRO A 9 -13.94 13.47 17.53
N HIS A 10 -13.05 13.42 18.51
CA HIS A 10 -11.64 13.59 18.22
CA HIS A 10 -11.62 13.65 18.32
C HIS A 10 -10.86 12.45 18.86
N ILE A 11 -9.60 12.33 18.44
CA ILE A 11 -8.63 11.48 19.11
C ILE A 11 -7.31 12.22 19.02
N GLY A 12 -6.70 12.53 20.16
CA GLY A 12 -5.48 13.32 20.12
C GLY A 12 -5.70 14.63 19.36
N ASN A 13 -4.78 14.94 18.46
CA ASN A 13 -4.86 16.16 17.66
C ASN A 13 -5.72 16.01 16.40
N TYR A 14 -6.61 15.02 16.33
CA TYR A 14 -7.32 14.70 15.08
C TYR A 14 -8.83 14.75 15.25
N ARG A 15 -9.50 15.44 14.34
CA ARG A 15 -10.95 15.39 14.26
C ARG A 15 -11.33 14.22 13.37
N LEU A 16 -12.16 13.32 13.90
CA LEU A 16 -12.55 12.14 13.14
C LEU A 16 -13.71 12.49 12.22
N LEU A 17 -13.61 12.05 10.96
CA LEU A 17 -14.62 12.35 9.97
C LEU A 17 -15.24 11.05 9.45
N LYS A 18 -15.54 10.96 8.15
CA LYS A 18 -16.34 9.83 7.67
C LYS A 18 -15.54 8.53 7.62
N THR A 19 -16.26 7.43 7.80
CA THR A 19 -15.65 6.10 7.68
C THR A 19 -15.39 5.78 6.22
N LEU A 20 -14.17 5.35 5.92
CA LEU A 20 -13.79 4.95 4.58
C LEU A 20 -14.01 3.47 4.34
N GLY A 21 -13.88 2.65 5.37
CA GLY A 21 -14.04 1.22 5.23
C GLY A 21 -14.06 0.57 6.59
N LYS A 22 -14.55 -0.66 6.64
CA LYS A 22 -14.71 -1.35 7.91
C LYS A 22 -14.76 -2.84 7.64
N GLY A 23 -14.00 -3.62 8.39
CA GLY A 23 -14.07 -5.06 8.28
C GLY A 23 -13.02 -5.70 9.16
N ASN A 24 -13.21 -7.00 9.41
CA ASN A 24 -12.29 -7.76 10.27
C ASN A 24 -12.17 -7.01 11.60
N PHE A 25 -10.98 -6.79 12.13
CA PHE A 25 -10.80 -6.09 13.39
C PHE A 25 -10.56 -4.61 13.21
N ALA A 26 -10.74 -4.09 11.99
CA ALA A 26 -10.32 -2.73 11.66
C ALA A 26 -11.45 -1.86 11.14
N LYS A 27 -11.28 -0.57 11.38
N LYS A 27 -11.25 -0.56 11.32
CA LYS A 27 -12.02 0.49 10.72
CA LYS A 27 -12.07 0.48 10.70
C LYS A 27 -10.98 1.48 10.23
C LYS A 27 -11.13 1.62 10.34
N VAL A 28 -11.29 2.19 9.15
CA VAL A 28 -10.45 3.28 8.71
C VAL A 28 -11.33 4.51 8.43
N LYS A 29 -10.93 5.63 9.03
CA LYS A 29 -11.70 6.87 8.90
CA LYS A 29 -11.70 6.87 8.91
C LYS A 29 -10.83 7.97 8.33
N ARG A 30 -11.44 8.82 7.52
CA ARG A 30 -10.81 10.09 7.18
C ARG A 30 -10.82 10.96 8.44
N ALA A 31 -9.81 11.81 8.55
CA ALA A 31 -9.71 12.70 9.71
C ALA A 31 -8.90 13.93 9.32
N ARG A 32 -8.91 14.93 10.19
CA ARG A 32 -8.10 16.11 9.95
C ARG A 32 -7.24 16.41 11.16
N HIS A 33 -5.96 16.63 10.90
CA HIS A 33 -5.03 17.06 11.94
C HIS A 33 -5.32 18.52 12.24
N ILE A 34 -5.77 18.80 13.46
N ILE A 34 -5.79 18.83 13.44
CA ILE A 34 -6.27 20.13 13.80
CA ILE A 34 -6.28 20.19 13.63
C ILE A 34 -5.15 21.16 13.75
C ILE A 34 -5.15 21.21 13.78
N LEU A 35 -3.93 20.78 14.12
CA LEU A 35 -2.84 21.75 14.27
C LEU A 35 -2.32 22.25 12.93
N THR A 36 -2.36 21.41 11.90
CA THR A 36 -1.84 21.75 10.58
C THR A 36 -2.92 21.84 9.52
N GLY A 37 -4.13 21.36 9.80
CA GLY A 37 -5.16 21.30 8.78
C GLY A 37 -5.08 20.15 7.80
N ARG A 38 -4.02 19.33 7.86
CA ARG A 38 -3.83 18.26 6.88
C ARG A 38 -4.83 17.13 7.07
N GLU A 39 -5.36 16.61 5.96
CA GLU A 39 -6.17 15.40 6.02
C GLU A 39 -5.28 14.17 6.21
N VAL A 40 -5.81 13.18 6.93
CA VAL A 40 -5.16 11.90 7.16
C VAL A 40 -6.21 10.79 7.11
N ALA A 41 -5.73 9.54 7.08
CA ALA A 41 -6.59 8.38 7.29
C ALA A 41 -6.12 7.71 8.58
N ILE A 42 -7.07 7.23 9.37
CA ILE A 42 -6.74 6.61 10.65
C ILE A 42 -7.27 5.19 10.65
N LYS A 43 -6.37 4.22 10.77
CA LYS A 43 -6.76 2.83 10.99
C LYS A 43 -6.99 2.64 12.49
N ILE A 44 -8.17 2.13 12.83
CA ILE A 44 -8.63 1.99 14.21
C ILE A 44 -8.85 0.51 14.50
N ILE A 45 -8.13 -0.03 15.49
CA ILE A 45 -8.26 -1.44 15.84
CA ILE A 45 -8.22 -1.44 15.85
C ILE A 45 -8.70 -1.53 17.30
N ASP A 46 -9.85 -2.17 17.52
CA ASP A 46 -10.36 -2.41 18.87
C ASP A 46 -9.55 -3.57 19.46
N LYS A 47 -8.65 -3.24 20.37
CA LYS A 47 -7.80 -4.27 20.97
C LYS A 47 -8.58 -5.25 21.82
N THR A 48 -9.78 -4.89 22.31
CA THR A 48 -10.51 -5.79 23.17
C THR A 48 -11.01 -7.03 22.42
N GLN A 49 -10.93 -7.04 21.10
CA GLN A 49 -11.33 -8.19 20.31
C GLN A 49 -10.20 -9.18 20.10
N LEU A 50 -8.99 -8.86 20.54
CA LEU A 50 -7.80 -9.64 20.27
C LEU A 50 -7.36 -10.43 21.50
N ASN A 51 -6.79 -11.60 21.25
CA ASN A 51 -6.13 -12.38 22.29
C ASN A 51 -4.67 -11.95 22.41
N PRO A 52 -3.95 -12.42 23.42
CA PRO A 52 -2.56 -11.96 23.57
C PRO A 52 -1.67 -12.27 22.38
N THR A 53 -1.84 -13.44 21.75
CA THR A 53 -1.01 -13.78 20.60
C THR A 53 -1.26 -12.81 19.46
N SER A 54 -2.54 -12.53 19.17
CA SER A 54 -2.85 -11.63 18.08
CA SER A 54 -2.90 -11.61 18.09
C SER A 54 -2.46 -10.19 18.39
N LEU A 55 -2.55 -9.78 19.66
CA LEU A 55 -2.09 -8.45 20.02
C LEU A 55 -0.59 -8.29 19.77
N GLN A 56 0.22 -9.30 20.14
CA GLN A 56 1.65 -9.20 19.88
CA GLN A 56 1.64 -9.17 19.89
C GLN A 56 1.95 -9.24 18.38
N LYS A 57 1.15 -9.98 17.61
CA LYS A 57 1.33 -9.95 16.16
C LYS A 57 1.04 -8.57 15.60
N LEU A 58 -0.04 -7.95 16.07
CA LEU A 58 -0.37 -6.61 15.61
C LEU A 58 0.76 -5.64 15.87
N PHE A 59 1.35 -5.69 17.08
CA PHE A 59 2.41 -4.74 17.40
C PHE A 59 3.66 -4.99 16.56
N ARG A 60 3.98 -6.26 16.25
CA ARG A 60 5.08 -6.53 15.32
C ARG A 60 4.82 -5.92 13.96
N GLU A 61 3.58 -6.02 13.49
CA GLU A 61 3.26 -5.48 12.17
C GLU A 61 3.26 -3.95 12.17
N VAL A 62 2.88 -3.32 13.28
CA VAL A 62 3.02 -1.87 13.37
C VAL A 62 4.47 -1.47 13.31
N ARG A 63 5.36 -2.28 13.93
CA ARG A 63 6.78 -1.94 13.88
C ARG A 63 7.34 -2.07 12.48
N ILE A 64 6.76 -2.94 11.65
CA ILE A 64 7.11 -2.95 10.23
C ILE A 64 6.64 -1.67 9.54
N MET A 65 5.38 -1.28 9.77
CA MET A 65 4.87 -0.05 9.16
C MET A 65 5.77 1.13 9.47
N LYS A 66 6.35 1.15 10.68
CA LYS A 66 7.20 2.26 11.11
C LYS A 66 8.44 2.44 10.25
N ILE A 67 8.93 1.38 9.60
CA ILE A 67 10.19 1.49 8.86
C ILE A 67 9.98 1.46 7.35
N LEU A 68 8.73 1.51 6.86
CA LEU A 68 8.47 1.58 5.42
C LEU A 68 8.25 3.05 5.05
N ASN A 69 9.20 3.64 4.34
CA ASN A 69 9.23 5.07 4.01
CA ASN A 69 9.19 5.05 3.99
C ASN A 69 9.50 5.20 2.51
N HIS A 70 8.46 5.08 1.70
CA HIS A 70 8.56 5.10 0.26
C HIS A 70 7.45 5.98 -0.30
N PRO A 71 7.71 6.76 -1.36
CA PRO A 71 6.68 7.69 -1.85
C PRO A 71 5.44 7.03 -2.38
N ASN A 72 5.47 5.71 -2.65
CA ASN A 72 4.28 5.04 -3.16
C ASN A 72 3.79 3.97 -2.21
N ILE A 73 4.09 4.14 -0.92
CA ILE A 73 3.56 3.30 0.16
C ILE A 73 2.95 4.23 1.20
N ILE A 74 1.71 3.95 1.59
CA ILE A 74 1.04 4.77 2.62
C ILE A 74 1.96 4.95 3.83
N LYS A 75 2.22 6.20 4.20
CA LYS A 75 3.16 6.51 5.27
C LYS A 75 2.47 6.64 6.63
N LEU A 76 3.10 6.09 7.66
CA LEU A 76 2.65 6.29 9.04
C LEU A 76 3.15 7.63 9.59
N PHE A 77 2.26 8.36 10.25
CA PHE A 77 2.62 9.63 10.88
C PHE A 77 2.60 9.59 12.40
N GLU A 78 1.68 8.83 13.01
CA GLU A 78 1.52 8.86 14.46
C GLU A 78 0.85 7.58 14.92
N VAL A 79 1.19 7.15 16.12
CA VAL A 79 0.50 6.07 16.82
C VAL A 79 -0.14 6.66 18.07
N ILE A 80 -1.43 6.42 18.26
CA ILE A 80 -2.11 6.75 19.52
C ILE A 80 -2.68 5.46 20.08
N GLU A 81 -2.39 5.18 21.35
CA GLU A 81 -2.86 3.94 21.94
C GLU A 81 -3.55 4.22 23.25
N THR A 82 -4.76 3.70 23.40
CA THR A 82 -5.47 3.72 24.66
C THR A 82 -5.54 2.29 25.21
N GLU A 83 -6.17 2.14 26.37
CA GLU A 83 -6.32 0.80 26.93
C GLU A 83 -7.05 -0.12 25.96
N LYS A 84 -8.05 0.40 25.24
CA LYS A 84 -8.91 -0.45 24.43
C LYS A 84 -8.69 -0.34 22.93
N THR A 85 -8.00 0.70 22.45
CA THR A 85 -7.99 0.98 21.02
C THR A 85 -6.60 1.39 20.55
N LEU A 86 -6.23 0.91 19.37
CA LEU A 86 -5.02 1.35 18.70
C LEU A 86 -5.39 2.19 17.50
N TYR A 87 -4.78 3.37 17.37
CA TYR A 87 -5.01 4.29 16.25
C TYR A 87 -3.71 4.47 15.48
N LEU A 88 -3.74 4.21 14.16
CA LEU A 88 -2.59 4.41 13.29
C LEU A 88 -2.94 5.54 12.34
N ILE A 89 -2.26 6.67 12.50
CA ILE A 89 -2.54 7.84 11.67
C ILE A 89 -1.64 7.78 10.45
N MET A 90 -2.25 7.78 9.27
CA MET A 90 -1.58 7.49 8.01
C MET A 90 -1.91 8.55 6.98
N GLU A 91 -1.11 8.55 5.90
CA GLU A 91 -1.41 9.33 4.69
C GLU A 91 -2.81 9.05 4.21
N TYR A 92 -3.48 10.10 3.70
CA TYR A 92 -4.77 9.97 3.03
C TYR A 92 -4.56 10.04 1.52
N ALA A 93 -5.02 9.02 0.80
CA ALA A 93 -4.99 9.00 -0.66
C ALA A 93 -6.35 9.44 -1.18
N SER A 94 -6.45 10.71 -1.61
CA SER A 94 -7.76 11.33 -1.78
C SER A 94 -8.54 10.84 -3.00
N LYS A 95 -7.91 10.13 -3.94
CA LYS A 95 -8.65 9.64 -5.09
CA LYS A 95 -8.64 9.64 -5.10
C LYS A 95 -8.99 8.17 -4.99
N GLY A 96 -8.79 7.55 -3.83
CA GLY A 96 -9.37 6.24 -3.54
C GLY A 96 -8.67 5.04 -4.18
N GLU A 97 -9.46 3.97 -4.32
CA GLU A 97 -8.94 2.67 -4.76
C GLU A 97 -8.76 2.62 -6.28
N VAL A 98 -7.67 1.99 -6.71
CA VAL A 98 -7.54 1.64 -8.14
C VAL A 98 -8.72 0.78 -8.60
N TYR A 99 -9.18 -0.15 -7.74
CA TYR A 99 -10.36 -0.95 -8.06
C TYR A 99 -11.52 -0.08 -8.55
N ASP A 100 -11.94 0.90 -7.74
CA ASP A 100 -13.07 1.75 -8.09
C ASP A 100 -12.77 2.61 -9.32
N TYR A 101 -11.52 3.04 -9.47
CA TYR A 101 -11.16 3.87 -10.61
C TYR A 101 -11.32 3.08 -11.91
N LEU A 102 -10.90 1.82 -11.92
CA LEU A 102 -11.04 1.00 -13.12
C LEU A 102 -12.50 0.69 -13.41
N VAL A 103 -13.31 0.52 -12.36
CA VAL A 103 -14.73 0.28 -12.58
C VAL A 103 -15.37 1.48 -13.24
N GLU A 104 -15.03 2.68 -12.77
CA GLU A 104 -15.68 3.87 -13.29
C GLU A 104 -15.16 4.27 -14.67
N HIS A 105 -13.84 4.18 -14.88
CA HIS A 105 -13.22 4.75 -16.07
C HIS A 105 -12.73 3.71 -17.08
N GLY A 106 -12.66 2.44 -16.70
CA GLY A 106 -12.22 1.42 -17.63
C GLY A 106 -10.70 1.30 -17.65
N ARG A 107 -10.21 0.54 -18.62
CA ARG A 107 -8.79 0.29 -18.72
C ARG A 107 -8.00 1.58 -18.88
N MET A 108 -6.78 1.58 -18.38
CA MET A 108 -5.83 2.65 -18.61
C MET A 108 -5.10 2.44 -19.93
N LYS A 109 -4.87 3.53 -20.66
CA LYS A 109 -3.91 3.47 -21.76
C LYS A 109 -2.55 3.03 -21.23
N GLU A 110 -1.74 2.42 -22.09
CA GLU A 110 -0.49 1.84 -21.61
C GLU A 110 0.45 2.89 -21.03
N LYS A 111 0.42 4.13 -21.54
CA LYS A 111 1.25 5.18 -20.97
C LYS A 111 0.86 5.47 -19.53
N GLU A 112 -0.45 5.54 -19.25
CA GLU A 112 -0.90 5.79 -17.89
C GLU A 112 -0.62 4.58 -17.01
N ALA A 113 -0.86 3.38 -17.53
CA ALA A 113 -0.62 2.18 -16.73
C ALA A 113 0.85 2.06 -16.37
N ARG A 114 1.73 2.43 -17.30
CA ARG A 114 3.17 2.36 -17.06
C ARG A 114 3.59 3.28 -15.92
N SER A 115 3.06 4.49 -15.89
CA SER A 115 3.39 5.41 -14.82
CA SER A 115 3.41 5.41 -14.82
CA SER A 115 3.41 5.41 -14.82
C SER A 115 3.05 4.82 -13.46
N LYS A 116 1.84 4.24 -13.35
CA LYS A 116 1.44 3.62 -12.09
C LYS A 116 2.27 2.38 -11.80
N PHE A 117 2.55 1.57 -12.82
CA PHE A 117 3.21 0.30 -12.55
C PHE A 117 4.67 0.49 -12.15
N ARG A 118 5.36 1.50 -12.70
CA ARG A 118 6.70 1.82 -12.23
C ARG A 118 6.69 2.12 -10.73
N GLN A 119 5.70 2.87 -10.28
CA GLN A 119 5.58 3.17 -8.85
C GLN A 119 5.30 1.92 -8.04
N ILE A 120 4.37 1.09 -8.51
CA ILE A 120 4.02 -0.14 -7.82
C ILE A 120 5.24 -1.05 -7.69
N VAL A 121 5.94 -1.27 -8.80
CA VAL A 121 7.11 -2.16 -8.78
C VAL A 121 8.21 -1.61 -7.88
N SER A 122 8.42 -0.30 -7.93
CA SER A 122 9.42 0.31 -7.03
C SER A 122 9.04 0.08 -5.57
N ALA A 123 7.77 0.31 -5.23
CA ALA A 123 7.33 0.15 -3.84
C ALA A 123 7.51 -1.28 -3.36
N VAL A 124 7.11 -2.26 -4.18
CA VAL A 124 7.18 -3.66 -3.74
C VAL A 124 8.63 -4.13 -3.65
N GLN A 125 9.46 -3.77 -4.65
CA GLN A 125 10.86 -4.16 -4.61
C GLN A 125 11.55 -3.59 -3.38
N TYR A 126 11.19 -2.35 -3.01
CA TYR A 126 11.76 -1.74 -1.81
C TYR A 126 11.42 -2.56 -0.57
N CYS A 127 10.19 -3.06 -0.45
CA CYS A 127 9.86 -3.88 0.72
C CYS A 127 10.54 -5.25 0.65
N HIS A 128 10.65 -5.82 -0.55
CA HIS A 128 11.34 -7.10 -0.68
C HIS A 128 12.80 -6.97 -0.26
N GLN A 129 13.42 -5.80 -0.49
CA GLN A 129 14.78 -5.58 -0.01
C GLN A 129 14.88 -5.86 1.49
N LYS A 130 13.87 -5.44 2.25
CA LYS A 130 13.81 -5.63 3.69
C LYS A 130 13.19 -6.96 4.08
N ARG A 131 13.00 -7.85 3.09
CA ARG A 131 12.40 -9.17 3.29
C ARG A 131 11.00 -9.07 3.89
N ILE A 132 10.24 -8.06 3.44
CA ILE A 132 8.83 -7.89 3.79
CA ILE A 132 8.83 -7.90 3.79
C ILE A 132 8.00 -8.19 2.55
N VAL A 133 7.15 -9.21 2.63
CA VAL A 133 6.27 -9.63 1.52
C VAL A 133 4.86 -9.15 1.85
N HIS A 134 4.18 -8.56 0.87
CA HIS A 134 2.82 -8.08 1.14
C HIS A 134 1.87 -9.24 1.33
N ARG A 135 1.85 -10.17 0.37
CA ARG A 135 1.06 -11.38 0.31
C ARG A 135 -0.38 -11.15 -0.10
N ASP A 136 -0.86 -9.90 -0.19
CA ASP A 136 -2.23 -9.69 -0.65
C ASP A 136 -2.34 -8.38 -1.44
N LEU A 137 -1.45 -8.20 -2.42
CA LEU A 137 -1.59 -7.07 -3.32
C LEU A 137 -2.82 -7.26 -4.20
N LYS A 138 -3.62 -6.20 -4.36
CA LYS A 138 -4.89 -6.29 -5.08
C LYS A 138 -5.33 -4.88 -5.44
N ALA A 139 -6.24 -4.78 -6.42
CA ALA A 139 -6.68 -3.45 -6.85
C ALA A 139 -7.27 -2.64 -5.70
N GLU A 140 -7.84 -3.30 -4.70
CA GLU A 140 -8.47 -2.57 -3.61
CA GLU A 140 -8.49 -2.61 -3.58
C GLU A 140 -7.49 -1.98 -2.61
N ASN A 141 -6.22 -2.42 -2.59
CA ASN A 141 -5.27 -1.75 -1.70
C ASN A 141 -4.17 -1.04 -2.47
N LEU A 142 -4.36 -0.83 -3.79
CA LEU A 142 -3.60 0.16 -4.53
C LEU A 142 -4.43 1.42 -4.51
N LEU A 143 -3.97 2.46 -3.79
CA LEU A 143 -4.72 3.71 -3.69
C LEU A 143 -4.08 4.79 -4.57
N LEU A 144 -4.84 5.88 -4.75
CA LEU A 144 -4.44 6.97 -5.64
C LEU A 144 -4.47 8.27 -4.85
N ASP A 145 -3.38 9.02 -4.88
CA ASP A 145 -3.40 10.32 -4.21
C ASP A 145 -4.00 11.39 -5.14
N ALA A 146 -4.00 12.65 -4.67
CA ALA A 146 -4.66 13.72 -5.41
C ALA A 146 -4.06 13.94 -6.78
N ASP A 147 -2.80 13.53 -6.99
CA ASP A 147 -2.14 13.67 -8.28
C ASP A 147 -2.08 12.36 -9.05
N MET A 148 -2.88 11.37 -8.64
CA MET A 148 -2.97 10.04 -9.26
C MET A 148 -1.69 9.23 -9.10
N ASN A 149 -0.87 9.54 -8.10
CA ASN A 149 0.25 8.67 -7.73
C ASN A 149 -0.24 7.49 -6.92
N ILE A 150 0.38 6.33 -7.13
CA ILE A 150 0.04 5.13 -6.37
C ILE A 150 0.47 5.27 -4.91
N LYS A 151 -0.38 4.79 -4.01
CA LYS A 151 -0.03 4.58 -2.60
C LYS A 151 -0.52 3.19 -2.22
N ILE A 152 0.41 2.27 -1.96
CA ILE A 152 0.01 0.92 -1.57
C ILE A 152 -0.32 0.91 -0.09
N ALA A 153 -1.46 0.34 0.26
CA ALA A 153 -1.93 0.22 1.63
C ALA A 153 -1.70 -1.17 2.20
N ASP A 154 -1.60 -1.22 3.54
CA ASP A 154 -1.54 -2.43 4.34
C ASP A 154 -0.28 -3.26 4.16
N PHE A 155 0.80 -2.67 3.66
CA PHE A 155 2.05 -3.39 3.54
C PHE A 155 2.59 -3.72 4.92
N GLY A 156 2.77 -4.99 5.20
CA GLY A 156 3.18 -5.45 6.50
C GLY A 156 2.07 -6.00 7.37
N PHE A 157 0.81 -5.73 7.05
CA PHE A 157 -0.31 -6.15 7.88
C PHE A 157 -0.95 -7.43 7.39
N SER A 158 -1.25 -8.32 8.33
CA SER A 158 -2.05 -9.49 8.05
C SER A 158 -3.52 -9.11 7.83
N ASN A 159 -4.25 -10.00 7.16
CA ASN A 159 -5.58 -9.66 6.66
C ASN A 159 -6.54 -9.23 7.77
N GLU A 160 -6.42 -9.82 8.96
CA GLU A 160 -7.40 -9.53 9.99
C GLU A 160 -7.24 -8.12 10.55
N PHE A 161 -6.13 -7.45 10.25
CA PHE A 161 -5.92 -6.07 10.66
C PHE A 161 -6.16 -5.10 9.52
N THR A 162 -6.79 -5.56 8.44
CA THR A 162 -7.24 -4.73 7.33
C THR A 162 -8.76 -4.77 7.27
N VAL A 163 -9.34 -3.78 6.57
CA VAL A 163 -10.79 -3.78 6.47
C VAL A 163 -11.30 -4.77 5.44
N GLY A 164 -10.40 -5.36 4.67
CA GLY A 164 -10.72 -6.41 3.72
C GLY A 164 -11.13 -5.85 2.37
N GLY A 165 -10.98 -6.70 1.36
CA GLY A 165 -11.60 -6.47 0.08
C GLY A 165 -12.83 -7.35 -0.11
N LYS A 166 -13.54 -7.07 -1.21
CA LYS A 166 -14.88 -7.61 -1.41
C LYS A 166 -14.88 -9.14 -1.44
N LEU A 167 -13.84 -9.74 -2.02
CA LEU A 167 -13.85 -11.17 -2.32
C LEU A 167 -12.90 -11.98 -1.44
N ASP A 168 -12.41 -11.41 -0.35
CA ASP A 168 -11.33 -12.05 0.39
C ASP A 168 -11.76 -13.43 0.88
N THR A 169 -10.90 -14.41 0.63
CA THR A 169 -11.07 -15.77 1.11
C THR A 169 -9.66 -16.30 1.36
N PHE A 170 -9.49 -17.13 2.38
CA PHE A 170 -8.15 -17.60 2.74
C PHE A 170 -7.18 -16.45 2.93
N CME A 171 -7.67 -15.37 3.54
CA CME A 171 -6.87 -14.22 3.98
CB CME A 171 -5.67 -14.67 4.83
SG CME A 171 -6.08 -15.79 6.16
SD CME A 171 -7.34 -14.68 7.28
CE CME A 171 -6.08 -13.79 8.23
CZ CME A 171 -5.46 -14.62 9.35
OH CME A 171 -4.18 -14.11 9.65
C CME A 171 -6.35 -13.36 2.84
O CME A 171 -5.39 -12.60 3.04
N GLY A 172 -6.94 -13.42 1.65
CA GLY A 172 -6.55 -12.49 0.61
C GLY A 172 -7.54 -12.58 -0.54
N SER A 173 -7.24 -11.83 -1.60
CA SER A 173 -8.15 -11.78 -2.75
C SER A 173 -7.82 -12.92 -3.73
N PRO A 174 -8.71 -13.88 -3.93
CA PRO A 174 -8.33 -15.08 -4.69
C PRO A 174 -7.83 -14.81 -6.11
N PRO A 175 -8.41 -13.84 -6.87
CA PRO A 175 -7.90 -13.65 -8.25
C PRO A 175 -6.44 -13.25 -8.33
N TYR A 176 -5.84 -12.76 -7.24
CA TYR A 176 -4.45 -12.35 -7.23
C TYR A 176 -3.53 -13.39 -6.60
N ALA A 177 -4.09 -14.52 -6.15
CA ALA A 177 -3.31 -15.50 -5.41
C ALA A 177 -2.46 -16.33 -6.35
N ALA A 178 -1.18 -16.50 -5.99
CA ALA A 178 -0.25 -17.25 -6.82
C ALA A 178 -0.64 -18.72 -6.88
N PRO A 179 -0.31 -19.41 -7.97
CA PRO A 179 -0.74 -20.81 -8.10
C PRO A 179 -0.18 -21.72 -7.03
N GLU A 180 1.02 -21.43 -6.53
CA GLU A 180 1.58 -22.30 -5.50
C GLU A 180 0.76 -22.29 -4.23
N LEU A 181 -0.08 -21.26 -4.04
CA LEU A 181 -0.96 -21.27 -2.86
C LEU A 181 -2.09 -22.27 -3.02
N PHE A 182 -2.63 -22.43 -4.24
CA PHE A 182 -3.70 -23.40 -4.48
C PHE A 182 -3.19 -24.84 -4.50
N GLN A 183 -1.89 -25.05 -4.58
CA GLN A 183 -1.37 -26.40 -4.52
C GLN A 183 -0.86 -26.76 -3.14
N GLY A 184 -1.12 -25.91 -2.14
CA GLY A 184 -0.72 -26.22 -0.79
C GLY A 184 0.75 -26.01 -0.52
N LYS A 185 1.42 -25.28 -1.40
CA LYS A 185 2.85 -25.11 -1.29
C LYS A 185 3.17 -23.88 -0.44
N LYS A 186 4.47 -23.69 -0.18
CA LYS A 186 4.94 -22.58 0.62
C LYS A 186 4.43 -21.25 0.06
N TYR A 187 4.08 -20.31 0.95
CA TYR A 187 3.34 -19.12 0.56
C TYR A 187 3.87 -17.86 1.22
N ASP A 188 5.20 -17.71 1.34
CA ASP A 188 5.71 -16.58 2.11
C ASP A 188 6.91 -15.85 1.51
N GLY A 189 7.33 -16.15 0.29
CA GLY A 189 8.46 -15.45 -0.29
C GLY A 189 8.06 -14.41 -1.30
N PRO A 190 9.03 -13.64 -1.82
CA PRO A 190 8.69 -12.54 -2.74
C PRO A 190 7.99 -13.02 -4.00
N GLU A 191 8.19 -14.29 -4.38
CA GLU A 191 7.62 -14.75 -5.63
C GLU A 191 6.11 -14.66 -5.65
N VAL A 192 5.44 -14.80 -4.49
CA VAL A 192 3.99 -14.71 -4.51
C VAL A 192 3.52 -13.28 -4.83
N ASP A 193 4.29 -12.27 -4.40
CA ASP A 193 3.96 -10.89 -4.76
C ASP A 193 4.19 -10.67 -6.24
N VAL A 194 5.23 -11.28 -6.78
CA VAL A 194 5.53 -11.10 -8.21
C VAL A 194 4.37 -11.61 -9.06
N TRP A 195 3.81 -12.79 -8.73
CA TRP A 195 2.61 -13.24 -9.43
C TRP A 195 1.49 -12.21 -9.31
N SER A 196 1.21 -11.73 -8.10
CA SER A 196 0.13 -10.76 -7.93
C SER A 196 0.35 -9.51 -8.77
N LEU A 197 1.60 -9.08 -8.89
CA LEU A 197 1.90 -7.90 -9.72
C LEU A 197 1.57 -8.15 -11.19
N GLY A 198 1.73 -9.38 -11.67
CA GLY A 198 1.32 -9.66 -13.05
C GLY A 198 -0.17 -9.55 -13.22
N VAL A 199 -0.93 -10.03 -12.24
CA VAL A 199 -2.38 -9.87 -12.28
C VAL A 199 -2.73 -8.38 -12.25
N ILE A 200 -2.04 -7.60 -11.42
CA ILE A 200 -2.28 -6.16 -11.36
C ILE A 200 -2.01 -5.48 -12.70
N LEU A 201 -0.86 -5.78 -13.32
CA LEU A 201 -0.56 -5.16 -14.62
C LEU A 201 -1.66 -5.47 -15.63
N TYR A 202 -2.07 -6.74 -15.70
CA TYR A 202 -3.14 -7.12 -16.63
C TYR A 202 -4.41 -6.31 -16.36
N THR A 203 -4.78 -6.14 -15.09
CA THR A 203 -6.02 -5.40 -14.79
CA THR A 203 -6.02 -5.42 -14.78
C THR A 203 -5.91 -3.93 -15.13
N LEU A 204 -4.73 -3.32 -14.94
CA LEU A 204 -4.55 -1.92 -15.31
C LEU A 204 -4.74 -1.72 -16.80
N VAL A 205 -4.17 -2.62 -17.61
CA VAL A 205 -4.15 -2.42 -19.06
CA VAL A 205 -4.18 -2.37 -19.05
C VAL A 205 -5.43 -2.94 -19.73
N SER A 206 -6.12 -3.91 -19.11
CA SER A 206 -7.30 -4.45 -19.75
C SER A 206 -8.59 -4.06 -19.07
N GLY A 207 -8.54 -3.60 -17.82
CA GLY A 207 -9.73 -3.31 -17.05
C GLY A 207 -10.42 -4.52 -16.45
N SER A 208 -9.86 -5.72 -16.62
CA SER A 208 -10.47 -6.96 -16.18
CA SER A 208 -10.47 -6.94 -16.13
C SER A 208 -9.40 -7.88 -15.59
N LEU A 209 -9.85 -8.89 -14.88
CA LEU A 209 -8.92 -9.85 -14.29
C LEU A 209 -8.53 -10.91 -15.31
N PRO A 210 -7.29 -11.40 -15.27
CA PRO A 210 -6.89 -12.47 -16.19
C PRO A 210 -7.47 -13.82 -15.81
N PHE A 211 -7.66 -14.10 -14.52
CA PHE A 211 -8.22 -15.36 -14.04
C PHE A 211 -9.44 -15.06 -13.20
N ASP A 212 -10.58 -15.66 -13.53
CA ASP A 212 -11.77 -15.44 -12.73
C ASP A 212 -12.64 -16.69 -12.79
N GLY A 213 -13.71 -16.68 -12.01
CA GLY A 213 -14.60 -17.82 -11.93
C GLY A 213 -15.79 -17.51 -11.07
N GLN A 214 -16.88 -18.24 -11.34
CA GLN A 214 -18.12 -18.06 -10.58
C GLN A 214 -17.99 -18.51 -9.14
N ASN A 215 -16.99 -19.34 -8.83
CA ASN A 215 -16.77 -19.83 -7.49
C ASN A 215 -15.29 -20.15 -7.36
N LEU A 216 -14.86 -20.47 -6.13
CA LEU A 216 -13.43 -20.59 -5.87
C LEU A 216 -12.83 -21.77 -6.63
N LYS A 217 -13.59 -22.87 -6.75
CA LYS A 217 -13.08 -24.05 -7.44
C LYS A 217 -12.80 -23.76 -8.91
N GLU A 218 -13.68 -22.99 -9.55
CA GLU A 218 -13.47 -22.62 -10.95
C GLU A 218 -12.28 -21.67 -11.09
N LEU A 219 -12.22 -20.66 -10.22
CA LEU A 219 -11.08 -19.76 -10.26
CA LEU A 219 -11.08 -19.74 -10.24
C LEU A 219 -9.78 -20.50 -10.00
N ARG A 220 -9.78 -21.38 -9.00
CA ARG A 220 -8.59 -22.16 -8.68
C ARG A 220 -8.06 -22.89 -9.91
N GLU A 221 -8.96 -23.53 -10.66
CA GLU A 221 -8.47 -24.27 -11.83
C GLU A 221 -7.95 -23.33 -12.91
N ARG A 222 -8.55 -22.15 -13.09
CA ARG A 222 -8.03 -21.20 -14.06
C ARG A 222 -6.63 -20.72 -13.69
N VAL A 223 -6.41 -20.43 -12.40
CA VAL A 223 -5.10 -19.98 -11.97
C VAL A 223 -4.07 -21.08 -12.18
N LEU A 224 -4.40 -22.30 -11.75
CA LEU A 224 -3.45 -23.39 -11.88
C LEU A 224 -3.10 -23.71 -13.32
N ARG A 225 -4.02 -23.45 -14.26
CA ARG A 225 -3.71 -23.72 -15.66
C ARG A 225 -2.85 -22.62 -16.28
N GLY A 226 -2.92 -21.42 -15.72
CA GLY A 226 -2.00 -20.35 -16.06
C GLY A 226 -2.26 -19.66 -17.37
N LYS A 227 -3.37 -19.94 -18.03
CA LYS A 227 -3.66 -19.38 -19.36
C LYS A 227 -4.60 -18.20 -19.23
N TYR A 228 -4.38 -17.17 -20.05
CA TYR A 228 -5.19 -15.95 -19.99
C TYR A 228 -5.21 -15.31 -21.37
N ARG A 229 -6.24 -14.49 -21.61
CA ARG A 229 -6.45 -13.93 -22.93
C ARG A 229 -5.62 -12.67 -23.14
N ILE A 230 -4.99 -12.55 -24.31
CA ILE A 230 -4.26 -11.34 -24.68
C ILE A 230 -5.18 -10.47 -25.51
N PRO A 231 -5.59 -9.29 -25.01
CA PRO A 231 -6.48 -8.42 -25.80
C PRO A 231 -5.80 -7.94 -27.07
N PHE A 232 -6.61 -7.75 -28.11
CA PHE A 232 -6.07 -7.36 -29.42
C PHE A 232 -5.31 -6.04 -29.34
N TYR A 233 -5.69 -5.15 -28.41
CA TYR A 233 -5.09 -3.83 -28.32
C TYR A 233 -3.80 -3.79 -27.50
N MET A 234 -3.48 -4.87 -26.80
CA MET A 234 -2.29 -4.88 -25.95
C MET A 234 -1.02 -4.94 -26.79
N SER A 235 -0.04 -4.10 -26.46
CA SER A 235 1.23 -4.13 -27.19
C SER A 235 1.98 -5.44 -26.96
N THR A 236 2.85 -5.75 -27.92
CA THR A 236 3.71 -6.93 -27.78
C THR A 236 4.60 -6.80 -26.57
N ASP A 237 5.16 -5.61 -26.34
CA ASP A 237 6.05 -5.44 -25.19
C ASP A 237 5.29 -5.62 -23.88
N CYS A 238 4.03 -5.18 -23.81
CA CYS A 238 3.25 -5.41 -22.59
C CYS A 238 3.00 -6.90 -22.39
N GLU A 239 2.61 -7.60 -23.46
CA GLU A 239 2.42 -9.05 -23.35
C GLU A 239 3.71 -9.74 -22.90
N ASN A 240 4.85 -9.32 -23.42
CA ASN A 240 6.13 -9.94 -23.03
C ASN A 240 6.44 -9.66 -21.57
N LEU A 241 6.11 -8.47 -21.08
CA LEU A 241 6.33 -8.20 -19.66
C LEU A 241 5.46 -9.10 -18.79
N LEU A 242 4.20 -9.28 -19.17
CA LEU A 242 3.34 -10.18 -18.39
C LEU A 242 3.93 -11.58 -18.30
N LYS A 243 4.60 -12.05 -19.35
CA LYS A 243 5.20 -13.38 -19.34
C LYS A 243 6.27 -13.53 -18.26
N ARG A 244 6.83 -12.42 -17.74
CA ARG A 244 7.86 -12.51 -16.71
C ARG A 244 7.29 -12.61 -15.31
N PHE A 245 6.05 -12.17 -15.12
CA PHE A 245 5.31 -12.30 -13.86
C PHE A 245 4.48 -13.58 -13.78
N LEU A 246 3.68 -13.85 -14.81
CA LEU A 246 2.64 -14.89 -14.74
C LEU A 246 3.20 -16.23 -15.23
N VAL A 247 4.17 -16.72 -14.45
CA VAL A 247 4.83 -18.01 -14.70
C VAL A 247 4.42 -18.96 -13.59
N LEU A 248 3.96 -20.16 -13.95
CA LEU A 248 3.43 -21.07 -12.93
C LEU A 248 4.51 -21.50 -11.94
N ASN A 249 5.69 -21.85 -12.44
CA ASN A 249 6.77 -22.29 -11.55
C ASN A 249 7.42 -21.07 -10.91
N PRO A 250 7.33 -20.90 -9.59
CA PRO A 250 7.79 -19.64 -8.99
C PRO A 250 9.26 -19.30 -9.25
N ILE A 251 10.13 -20.31 -9.37
CA ILE A 251 11.54 -19.99 -9.55
C ILE A 251 11.88 -19.63 -10.98
N LYS A 252 10.92 -19.74 -11.90
CA LYS A 252 11.10 -19.27 -13.27
C LYS A 252 10.53 -17.88 -13.48
N ARG A 253 9.91 -17.30 -12.45
CA ARG A 253 9.46 -15.91 -12.53
C ARG A 253 10.65 -14.97 -12.49
N GLY A 254 10.52 -13.82 -13.15
CA GLY A 254 11.51 -12.78 -12.98
C GLY A 254 11.54 -12.29 -11.54
N THR A 255 12.71 -11.85 -11.09
CA THR A 255 12.75 -11.06 -9.89
C THR A 255 12.42 -9.62 -10.26
N LEU A 256 11.99 -8.83 -9.26
CA LEU A 256 11.62 -7.45 -9.58
C LEU A 256 12.83 -6.65 -10.03
N GLU A 257 14.00 -6.92 -9.47
CA GLU A 257 15.19 -6.19 -9.90
C GLU A 257 15.50 -6.43 -11.37
N GLN A 258 15.32 -7.67 -11.84
CA GLN A 258 15.48 -7.96 -13.26
C GLN A 258 14.37 -7.29 -14.08
N ILE A 259 13.12 -7.37 -13.59
CA ILE A 259 11.98 -6.84 -14.33
C ILE A 259 12.07 -5.33 -14.46
N MET A 260 12.75 -4.66 -13.52
CA MET A 260 12.94 -3.21 -13.64
C MET A 260 13.66 -2.82 -14.91
N LYS A 261 14.38 -3.74 -15.56
CA LYS A 261 15.09 -3.45 -16.80
C LYS A 261 14.25 -3.70 -18.05
N ASP A 262 12.99 -4.11 -17.87
CA ASP A 262 12.15 -4.54 -18.99
C ASP A 262 11.88 -3.39 -19.98
N ARG A 263 11.76 -3.74 -21.26
CA ARG A 263 11.55 -2.73 -22.29
C ARG A 263 10.26 -1.95 -22.06
N TRP A 264 9.15 -2.64 -21.82
CA TRP A 264 7.88 -1.94 -21.67
C TRP A 264 7.91 -1.01 -20.46
N ILE A 265 8.50 -1.46 -19.37
CA ILE A 265 8.42 -0.65 -18.17
C ILE A 265 9.28 0.61 -18.29
N ASN A 266 10.24 0.64 -19.21
CA ASN A 266 11.10 1.80 -19.41
C ASN A 266 10.82 2.56 -20.71
N ALA A 267 9.76 2.22 -21.42
CA ALA A 267 9.43 2.96 -22.65
C ALA A 267 9.12 4.40 -22.30
N GLY A 268 9.77 5.33 -23.00
CA GLY A 268 9.65 6.73 -22.64
C GLY A 268 10.53 7.16 -21.47
N HIS A 269 11.32 6.26 -20.91
CA HIS A 269 12.21 6.53 -19.79
C HIS A 269 13.63 6.10 -20.14
N GLU A 270 14.04 6.34 -21.39
CA GLU A 270 15.30 5.79 -21.87
C GLU A 270 16.50 6.34 -21.10
N GLU A 271 16.40 7.56 -20.57
CA GLU A 271 17.46 8.14 -19.76
C GLU A 271 17.13 8.12 -18.27
N ASP A 272 16.22 7.24 -17.86
CA ASP A 272 15.69 7.25 -16.51
C ASP A 272 15.21 5.83 -16.18
N GLU A 273 16.09 4.86 -16.39
CA GLU A 273 15.71 3.47 -16.21
C GLU A 273 15.30 3.21 -14.78
N LEU A 274 14.25 2.42 -14.61
CA LEU A 274 13.75 2.12 -13.27
C LEU A 274 14.79 1.30 -12.50
N LYS A 275 15.04 1.68 -11.25
CA LYS A 275 16.09 1.07 -10.44
C LYS A 275 15.56 0.95 -9.02
N PRO A 276 16.13 0.08 -8.21
CA PRO A 276 15.72 -0.01 -6.81
C PRO A 276 15.75 1.34 -6.12
N PHE A 277 14.72 1.58 -5.30
CA PHE A 277 14.60 2.82 -4.55
C PHE A 277 15.70 2.92 -3.51
N VAL A 278 16.26 4.11 -3.36
CA VAL A 278 17.24 4.40 -2.32
C VAL A 278 16.59 5.40 -1.38
N GLU A 279 16.40 5.01 -0.13
CA GLU A 279 15.70 5.87 0.82
C GLU A 279 16.60 7.03 1.21
N PRO A 280 16.17 8.28 1.04
CA PRO A 280 16.99 9.40 1.50
C PRO A 280 16.88 9.56 3.00
N GLU A 281 17.93 10.15 3.58
CA GLU A 281 17.87 10.43 5.01
C GLU A 281 16.86 11.53 5.26
N LEU A 282 16.14 11.42 6.39
CA LEU A 282 15.12 12.39 6.71
C LEU A 282 15.78 13.67 7.21
N ASP A 283 15.44 14.79 6.58
CA ASP A 283 15.84 16.09 7.10
C ASP A 283 14.97 16.42 8.31
N ILE A 284 15.58 16.37 9.50
CA ILE A 284 14.91 16.70 10.75
C ILE A 284 15.33 18.06 11.26
N SER A 285 15.97 18.89 10.43
CA SER A 285 16.52 20.16 10.88
CA SER A 285 16.52 20.16 10.88
C SER A 285 15.93 21.35 10.12
N ASP A 286 14.74 21.20 9.54
CA ASP A 286 14.12 22.28 8.77
C ASP A 286 13.66 23.37 9.73
N GLN A 287 14.44 24.46 9.82
CA GLN A 287 14.14 25.49 10.81
C GLN A 287 12.81 26.18 10.54
N LYS A 288 12.37 26.22 9.28
CA LYS A 288 11.06 26.81 9.00
C LYS A 288 9.96 26.06 9.73
N ARG A 289 9.97 24.72 9.63
CA ARG A 289 8.96 23.92 10.33
C ARG A 289 9.20 23.90 11.83
N ILE A 290 10.47 23.91 12.24
CA ILE A 290 10.75 23.91 13.68
C ILE A 290 10.20 25.18 14.32
N ASP A 291 10.39 26.33 13.66
CA ASP A 291 9.86 27.57 14.22
C ASP A 291 8.34 27.55 14.26
N ILE A 292 7.68 27.00 13.24
CA ILE A 292 6.23 26.86 13.26
C ILE A 292 5.81 26.05 14.47
N MET A 293 6.50 24.95 14.73
CA MET A 293 6.11 24.07 15.83
C MET A 293 6.39 24.72 17.19
N VAL A 294 7.47 25.50 17.30
CA VAL A 294 7.67 26.28 18.53
C VAL A 294 6.48 27.21 18.76
N GLY A 295 5.92 27.78 17.69
CA GLY A 295 4.73 28.61 17.80
C GLY A 295 3.51 27.85 18.29
N MET A 296 3.49 26.53 18.08
CA MET A 296 2.43 25.67 18.58
C MET A 296 2.67 25.24 20.02
N GLY A 297 3.78 25.65 20.61
CA GLY A 297 4.07 25.31 21.99
C GLY A 297 5.01 24.14 22.19
N TYR A 298 5.52 23.56 21.11
CA TYR A 298 6.57 22.55 21.23
C TYR A 298 7.91 23.23 21.49
N SER A 299 8.81 22.54 22.17
CA SER A 299 10.15 23.09 22.36
C SER A 299 11.10 22.52 21.32
N GLN A 300 12.14 23.29 21.00
CA GLN A 300 13.12 22.82 20.02
C GLN A 300 13.79 21.54 20.48
N GLU A 301 14.09 21.43 21.78
CA GLU A 301 14.78 20.22 22.25
C GLU A 301 13.86 19.01 22.17
N GLU A 302 12.57 19.17 22.45
CA GLU A 302 11.70 17.99 22.35
C GLU A 302 11.42 17.62 20.91
N ILE A 303 11.43 18.59 19.98
CA ILE A 303 11.32 18.26 18.57
C ILE A 303 12.51 17.41 18.13
N GLN A 304 13.72 17.82 18.51
CA GLN A 304 14.91 17.07 18.14
C GLN A 304 14.89 15.67 18.74
N GLU A 305 14.44 15.54 19.98
CA GLU A 305 14.38 14.23 20.63
C GLU A 305 13.39 13.31 19.91
N SER A 306 12.19 13.81 19.62
CA SER A 306 11.16 12.98 18.97
C SER A 306 11.57 12.59 17.55
N LEU A 307 12.14 13.53 16.79
CA LEU A 307 12.49 13.22 15.40
C LEU A 307 13.72 12.32 15.31
N SER A 308 14.72 12.57 16.16
CA SER A 308 15.95 11.79 16.07
C SER A 308 15.75 10.36 16.54
N LYS A 309 14.80 10.13 17.44
CA LYS A 309 14.46 8.79 17.86
C LYS A 309 13.27 8.22 17.09
N MET A 310 12.72 8.98 16.13
CA MET A 310 11.53 8.63 15.34
C MET A 310 10.43 8.01 16.20
N LYS A 311 9.85 8.81 17.10
CA LYS A 311 8.96 8.28 18.14
C LYS A 311 7.52 8.01 17.68
N TYR A 312 7.08 8.57 16.56
CA TYR A 312 5.69 8.47 16.10
C TYR A 312 4.72 9.00 17.16
N ASP A 313 5.12 10.07 17.82
CA ASP A 313 4.30 10.80 18.75
C ASP A 313 3.70 12.03 18.08
N GLU A 314 3.04 12.89 18.86
CA GLU A 314 2.38 14.03 18.24
C GLU A 314 3.38 15.01 17.62
N ILE A 315 4.61 15.08 18.14
CA ILE A 315 5.61 15.97 17.57
C ILE A 315 6.06 15.49 16.20
N THR A 316 6.43 14.22 16.10
CA THR A 316 6.84 13.65 14.82
CA THR A 316 6.87 13.71 14.80
C THR A 316 5.76 13.85 13.77
N ALA A 317 4.52 13.56 14.14
CA ALA A 317 3.43 13.67 13.19
C ALA A 317 3.28 15.09 12.68
N THR A 318 3.37 16.06 13.58
CA THR A 318 3.19 17.45 13.16
C THR A 318 4.30 17.87 12.21
N TYR A 319 5.54 17.49 12.50
CA TYR A 319 6.64 17.84 11.61
C TYR A 319 6.45 17.22 10.23
N LEU A 320 6.10 15.92 10.18
CA LEU A 320 5.93 15.27 8.89
C LEU A 320 4.77 15.85 8.12
N LEU A 321 3.67 16.15 8.82
CA LEU A 321 2.49 16.69 8.12
C LEU A 321 2.77 18.09 7.59
N LEU A 322 3.55 18.91 8.30
CA LEU A 322 3.95 20.22 7.77
C LEU A 322 4.80 20.08 6.50
N GLY A 323 5.44 18.92 6.30
CA GLY A 323 6.18 18.64 5.08
C GLY A 323 5.35 18.17 3.91
N ARG A 324 4.05 17.98 4.08
CA ARG A 324 3.14 17.65 2.99
C ARG A 324 2.37 18.89 2.55
N LYS A 325 2.08 19.00 1.26
CA LYS A 325 1.34 20.18 0.82
C LYS A 325 -0.09 20.13 1.35
N SER A 326 -0.64 21.30 1.66
CA SER A 326 -2.02 21.36 2.10
C SER A 326 -2.95 21.17 0.91
N SER A 327 -4.24 21.03 1.21
CA SER A 327 -5.21 20.81 0.15
C SER A 327 -6.52 21.48 0.49
N GLU A 328 -7.10 22.14 -0.51
CA GLU A 328 -8.42 22.73 -0.34
C GLU A 328 -9.48 21.73 -0.79
C10 X5I B . -10.89 3.05 0.92
C12 X5I B . -10.30 0.99 2.20
C13 X5I B . -9.08 0.42 1.45
C14 X5I B . -8.02 -0.13 2.42
C15 X5I B . -7.09 -1.26 1.93
C16 X5I B . -7.78 -2.64 2.04
N19 X5I B . -9.49 -0.57 0.43
C02 X5I B . -12.45 1.22 1.08
C03 X5I B . -13.44 2.07 0.29
C05 X5I B . -11.71 3.70 0.00
C06 X5I B . -11.39 4.97 -0.38
C07 X5I B . -10.26 5.58 0.16
C08 X5I B . -9.50 4.89 1.09
C17 X5I B . -8.84 -2.94 0.96
C18 X5I B . -9.97 -1.89 0.89
C20 X5I B . -8.28 5.43 1.66
C21 X5I B . -7.70 6.64 1.37
C23 X5I B . -6.32 5.70 2.71
C24 X5I B . -5.24 5.33 3.54
C25 X5I B . -5.26 4.11 4.14
C26 X5I B . -6.36 3.21 3.91
C27 X5I B . -7.38 3.56 3.13
N09 X5I B . -9.83 3.63 1.43
N11 X5I B . -11.22 1.75 1.33
N22 X5I B . -6.52 6.80 2.02
N28 X5I B . -7.38 4.80 2.52
O01 X5I B . -12.76 0.10 1.45
O04 X5I B . -12.81 3.06 -0.54
C1 EDO C . -0.97 -17.39 -21.59
O1 EDO C . -2.20 -18.06 -21.85
C2 EDO C . -1.16 -16.00 -22.14
O2 EDO C . -1.54 -16.08 -23.52
C1 EDO D . -10.94 -13.64 4.82
O1 EDO D . -10.29 -14.91 4.59
C2 EDO D . -11.30 -13.60 6.30
O2 EDO D . -12.24 -14.64 6.58
C1 EDO E . -1.11 13.45 4.03
O1 EDO E . -2.35 12.78 4.29
C2 EDO E . -1.30 14.96 4.14
O2 EDO E . -2.47 15.35 3.41
C1 EDO F . -15.50 -0.41 -1.81
O1 EDO F . -15.47 0.94 -2.32
C2 EDO F . -15.30 -1.38 -2.96
O2 EDO F . -14.16 -1.02 -3.77
C1 EDO G . -3.61 26.97 6.14
O1 EDO G . -2.45 27.09 5.31
C2 EDO G . -4.62 26.07 5.43
O2 EDO G . -3.89 24.97 4.87
CL CL H . -12.66 19.05 9.42
C BEZ I . 0.84 25.61 6.64
O1 BEZ I . 0.09 24.76 6.12
O2 BEZ I . 1.59 26.29 5.92
C1 BEZ I . 0.83 25.82 8.14
C2 BEZ I . 1.67 26.78 8.71
C3 BEZ I . 1.67 26.97 10.08
C4 BEZ I . 0.82 26.21 10.89
C5 BEZ I . -0.01 25.25 10.32
C6 BEZ I . -0.01 25.06 8.94
#